data_6S38
#
_entry.id   6S38
#
_cell.length_a   44.563
_cell.length_b   67.394
_cell.length_c   96.700
_cell.angle_alpha   90.00
_cell.angle_beta   90.00
_cell.angle_gamma   90.00
#
_symmetry.space_group_name_H-M   'P 21 21 21'
#
loop_
_entity.id
_entity.type
_entity.pdbx_description
1 polymer 'Aromatic acid chemoreceptor'
2 non-polymer '(1S,3R,4S,5R)-1,3,4,5-tetrahydroxycyclohexanecarboxylic acid'
3 water water
#
_entity_poly.entity_id   1
_entity_poly.type   'polypeptide(L)'
_entity_poly.pdbx_seq_one_letter_code
;MVPTRSTARMLANLKIRTGMFWVLSLFSLTLLFSTASAWWAALGSDQQITELDQTAHQSDRLNNALLMAIRSSANVSSGF
IEQLGGHDESAGKRMALSVELNNKSQALVDEFVENAREPALRGLATELQATFAEYAKAVAGQREATRQRSLEQYFKVNSD
AGNAMGRLQTLRQQLVTTLSERGQQIMLESDRRLARAQLLSLCLLGVTVVLAVLCWAFIAQRVLHPLREAGGHFRRIASG
DLSVPVQGQGNNEIGQLFHELQRMQQSQRDTLGQINNCARQLDAAATALNAVTEESANNLRQQGQELEQAATAVTEMTTA
VEEVARNAITTSQTTSESNQLAAQSRRQVSENIDGTEAMTREIQTSSAHLQQLVGQVRDIGKVLEVIRSVSEQTNLLALN
AAIEAARAGEAGRGFAVVADEVRTLAYRTQQSTQEIEQMIGSVQAGTEAAVASMQASTNRAQSTLDVTLASGQVLEGIYS
AIGEINERNLVIASAAEEQAQVAREVDRNLLNIRELSNHSAAGAQQTSEASKALSGLVGEMTALVGRFKV
;
_entity_poly.pdbx_strand_id   A,B
#
# COMPACT_ATOMS: atom_id res chain seq x y z
N ILE A 49 9.34 -18.65 -22.58
CA ILE A 49 8.34 -18.16 -21.65
C ILE A 49 8.81 -18.39 -20.21
N THR A 50 10.04 -18.93 -20.09
CA THR A 50 10.64 -19.13 -18.78
C THR A 50 10.96 -17.80 -18.11
N GLU A 51 11.73 -16.95 -18.79
CA GLU A 51 12.11 -15.66 -18.25
C GLU A 51 10.93 -14.69 -18.17
N LEU A 52 9.91 -14.87 -19.00
CA LEU A 52 8.79 -13.92 -19.01
C LEU A 52 7.97 -14.06 -17.74
N ASP A 53 7.70 -15.29 -17.30
CA ASP A 53 7.02 -15.49 -16.03
C ASP A 53 7.84 -14.97 -14.86
N GLN A 54 9.16 -14.91 -15.02
CA GLN A 54 10.01 -14.34 -13.97
C GLN A 54 9.90 -12.82 -13.88
N THR A 55 9.71 -12.12 -15.01
CA THR A 55 9.49 -10.68 -14.91
C THR A 55 8.11 -10.38 -14.32
N ALA A 56 7.11 -11.21 -14.62
CA ALA A 56 5.81 -11.08 -13.97
C ALA A 56 5.90 -11.34 -12.48
N HIS A 57 6.62 -12.40 -12.08
N HIS A 57 6.62 -12.40 -12.08
CA HIS A 57 6.79 -12.70 -10.67
CA HIS A 57 6.78 -12.69 -10.65
C HIS A 57 7.55 -11.59 -9.95
C HIS A 57 7.54 -11.59 -9.94
N GLN A 58 8.57 -11.03 -10.59
CA GLN A 58 9.33 -9.94 -9.99
C GLN A 58 8.46 -8.72 -9.74
N SER A 59 7.59 -8.37 -10.70
N SER A 59 7.59 -8.37 -10.70
CA SER A 59 6.70 -7.23 -10.50
CA SER A 59 6.70 -7.23 -10.50
C SER A 59 5.70 -7.49 -9.37
C SER A 59 5.71 -7.49 -9.37
N ASP A 60 5.32 -8.74 -9.17
CA ASP A 60 4.39 -9.08 -8.09
C ASP A 60 5.06 -8.95 -6.72
N ARG A 61 6.26 -9.51 -6.57
CA ARG A 61 7.02 -9.34 -5.33
C ARG A 61 7.13 -7.87 -4.95
N LEU A 62 7.44 -7.02 -5.94
CA LEU A 62 7.63 -5.60 -5.68
C LEU A 62 6.34 -4.94 -5.25
N ASN A 63 5.28 -5.10 -6.04
CA ASN A 63 4.00 -4.47 -5.72
C ASN A 63 3.48 -4.94 -4.36
N ASN A 64 3.66 -6.23 -4.05
CA ASN A 64 3.19 -6.74 -2.77
C ASN A 64 4.11 -6.32 -1.62
N ALA A 65 5.42 -6.24 -1.85
CA ALA A 65 6.29 -5.71 -0.81
C ALA A 65 5.87 -4.30 -0.39
N LEU A 66 5.58 -3.43 -1.36
CA LEU A 66 5.22 -2.04 -1.03
C LEU A 66 3.87 -1.96 -0.34
N LEU A 67 2.86 -2.63 -0.91
CA LEU A 67 1.55 -2.72 -0.29
C LEU A 67 1.66 -3.09 1.18
N MET A 68 2.33 -4.21 1.47
CA MET A 68 2.43 -4.67 2.86
C MET A 68 3.28 -3.75 3.70
N ALA A 69 4.31 -3.14 3.13
CA ALA A 69 5.13 -2.19 3.89
C ALA A 69 4.30 -1.00 4.34
N ILE A 70 3.48 -0.44 3.44
CA ILE A 70 2.63 0.69 3.82
C ILE A 70 1.58 0.25 4.81
N ARG A 71 0.99 -0.95 4.60
CA ARG A 71 0.08 -1.49 5.62
C ARG A 71 0.74 -1.56 6.98
N SER A 72 2.03 -1.93 7.00
CA SER A 72 2.74 -2.03 8.26
C SER A 72 2.77 -0.69 8.99
N SER A 73 2.96 0.40 8.25
CA SER A 73 3.11 1.69 8.90
C SER A 73 1.74 2.23 9.31
N ALA A 74 0.74 2.04 8.45
CA ALA A 74 -0.63 2.43 8.78
C ALA A 74 -1.11 1.77 10.07
N ASN A 75 -0.77 0.48 10.25
CA ASN A 75 -1.09 -0.21 11.49
C ASN A 75 -0.47 0.48 12.70
N VAL A 76 0.73 1.03 12.55
CA VAL A 76 1.34 1.72 13.69
C VAL A 76 0.61 3.02 13.96
N SER A 77 0.28 3.77 12.91
CA SER A 77 -0.40 5.05 13.07
C SER A 77 -1.77 4.87 13.70
N SER A 78 -2.59 3.96 13.15
CA SER A 78 -3.92 3.78 13.71
C SER A 78 -3.85 3.10 15.07
N GLY A 79 -2.87 2.23 15.29
CA GLY A 79 -2.67 1.64 16.60
C GLY A 79 -2.30 2.67 17.65
N PHE A 80 -1.53 3.69 17.27
CA PHE A 80 -1.26 4.78 18.19
C PHE A 80 -2.55 5.52 18.52
N ILE A 81 -3.41 5.74 17.51
CA ILE A 81 -4.67 6.44 17.74
C ILE A 81 -5.55 5.66 18.70
N GLU A 82 -5.66 4.34 18.48
CA GLU A 82 -6.43 3.50 19.38
C GLU A 82 -5.87 3.54 20.79
N GLN A 83 -4.54 3.61 20.90
CA GLN A 83 -3.91 3.64 22.21
C GLN A 83 -4.22 4.95 22.94
N LEU A 84 -4.16 6.07 22.22
CA LEU A 84 -4.50 7.35 22.81
C LEU A 84 -5.93 7.37 23.29
N GLY A 85 -6.83 6.71 22.56
CA GLY A 85 -8.22 6.57 22.97
C GLY A 85 -8.46 5.61 24.10
N GLY A 86 -7.42 4.92 24.57
CA GLY A 86 -7.57 3.96 25.65
C GLY A 86 -7.83 2.53 25.20
N HIS A 87 -7.56 2.21 23.94
CA HIS A 87 -7.85 0.88 23.39
C HIS A 87 -6.56 0.08 23.24
N ASP A 88 -5.95 -0.20 24.40
CA ASP A 88 -4.61 -0.77 24.43
C ASP A 88 -4.56 -2.18 23.82
N GLU A 89 -5.65 -2.92 23.88
CA GLU A 89 -5.63 -4.30 23.39
C GLU A 89 -5.74 -4.36 21.86
N SER A 90 -6.61 -3.53 21.28
CA SER A 90 -6.63 -3.40 19.82
C SER A 90 -5.29 -2.89 19.30
N ALA A 91 -4.71 -1.89 19.99
CA ALA A 91 -3.42 -1.36 19.57
C ALA A 91 -2.35 -2.45 19.58
N GLY A 92 -2.40 -3.35 20.57
CA GLY A 92 -1.43 -4.42 20.62
C GLY A 92 -1.51 -5.33 19.40
N LYS A 93 -2.73 -5.60 18.94
CA LYS A 93 -2.90 -6.40 17.72
C LYS A 93 -2.39 -5.67 16.50
N ARG A 94 -2.59 -4.35 16.43
CA ARG A 94 -2.04 -3.60 15.29
C ARG A 94 -0.53 -3.63 15.31
N MET A 95 0.07 -3.47 16.50
CA MET A 95 1.52 -3.53 16.60
C MET A 95 2.04 -4.87 16.09
N ALA A 96 1.38 -5.96 16.49
CA ALA A 96 1.82 -7.28 16.05
C ALA A 96 1.70 -7.43 14.54
N LEU A 97 0.56 -7.02 13.97
CA LEU A 97 0.37 -7.14 12.53
C LEU A 97 1.39 -6.31 11.78
N SER A 98 1.76 -5.16 12.34
CA SER A 98 2.76 -4.31 11.70
C SER A 98 4.10 -5.03 11.60
N VAL A 99 4.51 -5.72 12.67
CA VAL A 99 5.76 -6.49 12.62
C VAL A 99 5.66 -7.60 11.60
N GLU A 100 4.54 -8.33 11.60
CA GLU A 100 4.33 -9.42 10.64
C GLU A 100 4.44 -8.91 9.20
N LEU A 101 3.78 -7.80 8.90
CA LEU A 101 3.78 -7.26 7.54
C LEU A 101 5.15 -6.71 7.15
N ASN A 102 5.89 -6.12 8.08
CA ASN A 102 7.26 -5.72 7.78
C ASN A 102 8.13 -6.93 7.45
N ASN A 103 8.03 -7.99 8.27
CA ASN A 103 8.80 -9.21 8.01
C ASN A 103 8.47 -9.79 6.64
N LYS A 104 7.20 -9.78 6.25
CA LYS A 104 6.84 -10.32 4.93
C LYS A 104 7.30 -9.42 3.79
N SER A 105 7.07 -8.10 3.91
CA SER A 105 7.52 -7.23 2.83
C SER A 105 9.05 -7.23 2.71
N GLN A 106 9.76 -7.32 3.85
CA GLN A 106 11.22 -7.35 3.79
C GLN A 106 11.73 -8.64 3.14
N ALA A 107 11.02 -9.76 3.31
CA ALA A 107 11.43 -10.99 2.65
C ALA A 107 11.17 -10.90 1.14
N LEU A 108 10.11 -10.20 0.74
CA LEU A 108 9.82 -10.05 -0.69
C LEU A 108 10.84 -9.14 -1.37
N VAL A 109 11.30 -8.09 -0.68
CA VAL A 109 12.30 -7.22 -1.31
C VAL A 109 13.64 -7.95 -1.41
N ASP A 110 14.00 -8.73 -0.38
CA ASP A 110 15.25 -9.49 -0.44
C ASP A 110 15.21 -10.49 -1.58
N GLU A 111 14.04 -11.10 -1.81
CA GLU A 111 13.90 -12.04 -2.91
C GLU A 111 13.91 -11.31 -4.26
N PHE A 112 13.29 -10.14 -4.33
CA PHE A 112 13.33 -9.35 -5.56
C PHE A 112 14.76 -9.06 -5.97
N VAL A 113 15.57 -8.54 -5.05
CA VAL A 113 16.91 -8.11 -5.41
C VAL A 113 17.81 -9.31 -5.75
N GLU A 114 17.53 -10.46 -5.13
N GLU A 114 17.53 -10.46 -5.14
CA GLU A 114 18.32 -11.65 -5.44
CA GLU A 114 18.34 -11.63 -5.46
C GLU A 114 18.17 -12.05 -6.91
C GLU A 114 18.18 -12.05 -6.91
N ASN A 115 17.00 -11.83 -7.49
CA ASN A 115 16.74 -12.15 -8.89
C ASN A 115 16.73 -10.94 -9.80
N ALA A 116 17.06 -9.76 -9.28
CA ALA A 116 17.27 -8.56 -10.10
C ALA A 116 18.78 -8.45 -10.33
N ARG A 117 19.26 -9.06 -11.42
N ARG A 117 19.25 -9.08 -11.41
CA ARG A 117 20.68 -9.19 -11.68
CA ARG A 117 20.67 -9.21 -11.68
C ARG A 117 21.14 -8.55 -12.98
C ARG A 117 21.13 -8.54 -12.97
N GLU A 118 20.25 -8.39 -13.96
CA GLU A 118 20.63 -7.77 -15.21
C GLU A 118 21.01 -6.31 -14.94
N PRO A 119 22.00 -5.78 -15.69
CA PRO A 119 22.48 -4.43 -15.37
C PRO A 119 21.41 -3.35 -15.44
N ALA A 120 20.44 -3.47 -16.35
CA ALA A 120 19.35 -2.51 -16.40
C ALA A 120 18.50 -2.52 -15.13
N LEU A 121 18.54 -3.61 -14.38
CA LEU A 121 17.71 -3.78 -13.21
C LEU A 121 18.46 -3.71 -11.89
N ARG A 122 19.79 -3.90 -11.91
N ARG A 122 19.78 -3.89 -11.92
CA ARG A 122 20.54 -3.96 -10.67
CA ARG A 122 20.56 -3.97 -10.69
C ARG A 122 20.75 -2.59 -10.06
C ARG A 122 20.79 -2.59 -10.06
N GLY A 123 20.96 -1.56 -10.88
CA GLY A 123 21.15 -0.23 -10.35
C GLY A 123 19.95 0.26 -9.54
N LEU A 124 18.74 0.00 -10.05
CA LEU A 124 17.55 0.39 -9.31
C LEU A 124 17.29 -0.53 -8.12
N ALA A 125 17.66 -1.81 -8.23
CA ALA A 125 17.34 -2.77 -7.18
C ALA A 125 18.07 -2.45 -5.89
N THR A 126 19.35 -2.09 -5.98
CA THR A 126 20.11 -1.77 -4.78
C THR A 126 19.65 -0.45 -4.16
N GLU A 127 19.23 0.51 -4.99
CA GLU A 127 18.63 1.73 -4.45
C GLU A 127 17.30 1.42 -3.77
N LEU A 128 16.56 0.42 -4.26
CA LEU A 128 15.32 0.03 -3.61
C LEU A 128 15.58 -0.49 -2.20
N GLN A 129 16.52 -1.44 -2.09
N GLN A 129 16.53 -1.42 -2.07
CA GLN A 129 16.87 -2.00 -0.79
CA GLN A 129 16.80 -1.99 -0.75
C GLN A 129 17.34 -0.91 0.17
C GLN A 129 17.38 -0.94 0.20
N ALA A 130 18.13 0.04 -0.32
CA ALA A 130 18.61 1.12 0.54
C ALA A 130 17.47 2.04 0.94
N THR A 131 16.61 2.39 -0.02
CA THR A 131 15.44 3.20 0.31
C THR A 131 14.42 2.43 1.14
N PHE A 132 14.30 1.11 0.92
CA PHE A 132 13.42 0.34 1.78
C PHE A 132 13.94 0.27 3.21
N ALA A 133 15.26 0.15 3.37
CA ALA A 133 15.83 0.16 4.72
C ALA A 133 15.47 1.45 5.44
N GLU A 134 15.49 2.58 4.73
CA GLU A 134 15.11 3.85 5.34
C GLU A 134 13.66 3.83 5.80
N TYR A 135 12.76 3.29 4.98
CA TYR A 135 11.35 3.24 5.36
C TYR A 135 11.14 2.34 6.57
N ALA A 136 11.74 1.15 6.55
CA ALA A 136 11.52 0.17 7.61
C ALA A 136 11.99 0.68 8.96
N LYS A 137 12.98 1.57 8.98
CA LYS A 137 13.46 2.08 10.27
C LYS A 137 12.74 3.35 10.69
N ALA A 138 12.20 4.12 9.74
CA ALA A 138 11.23 5.15 10.11
C ALA A 138 9.97 4.53 10.70
N VAL A 139 9.54 3.39 10.18
CA VAL A 139 8.39 2.68 10.75
C VAL A 139 8.75 2.16 12.14
N ALA A 140 9.93 1.57 12.28
CA ALA A 140 10.42 1.22 13.62
C ALA A 140 10.47 2.45 14.52
N GLY A 141 10.73 3.63 13.97
CA GLY A 141 10.64 4.84 14.77
C GLY A 141 9.22 5.15 15.19
N GLN A 142 8.26 4.95 14.28
CA GLN A 142 6.86 5.12 14.63
C GLN A 142 6.46 4.18 15.76
N ARG A 143 6.91 2.92 15.69
CA ARG A 143 6.59 1.96 16.75
C ARG A 143 7.17 2.41 18.09
N GLU A 144 8.40 2.91 18.08
CA GLU A 144 9.03 3.36 19.33
C GLU A 144 8.39 4.65 19.85
N ALA A 145 8.04 5.57 18.94
CA ALA A 145 7.30 6.77 19.35
C ALA A 145 5.97 6.40 19.99
N THR A 146 5.32 5.35 19.47
CA THR A 146 4.12 4.83 20.14
C THR A 146 4.48 4.22 21.49
N ARG A 147 5.59 3.49 21.58
CA ARG A 147 6.04 2.92 22.86
C ARG A 147 6.14 4.00 23.93
N GLN A 148 6.67 5.16 23.56
CA GLN A 148 6.87 6.27 24.49
C GLN A 148 5.68 7.22 24.55
N ARG A 149 4.57 6.89 23.89
CA ARG A 149 3.33 7.67 23.95
C ARG A 149 3.58 9.14 23.68
N SER A 150 4.44 9.44 22.70
CA SER A 150 4.91 10.80 22.46
C SER A 150 4.50 11.25 21.07
N LEU A 151 3.65 12.29 21.03
CA LEU A 151 3.16 12.82 19.76
C LEU A 151 4.29 13.42 18.92
N GLU A 152 5.21 14.14 19.57
CA GLU A 152 6.11 14.96 18.77
C GLU A 152 7.22 14.13 18.13
N GLN A 153 7.76 13.12 18.83
CA GLN A 153 8.70 12.22 18.16
C GLN A 153 8.02 11.49 17.00
N TYR A 154 6.74 11.15 17.15
CA TYR A 154 6.04 10.52 16.04
C TYR A 154 6.06 11.40 14.81
N PHE A 155 5.94 12.71 15.00
N PHE A 155 6.00 12.72 14.99
CA PHE A 155 5.92 13.62 13.86
CA PHE A 155 6.01 13.65 13.86
C PHE A 155 7.27 13.68 13.16
C PHE A 155 7.38 13.65 13.17
N LYS A 156 8.37 13.55 13.91
N LYS A 156 8.46 13.56 13.94
CA LYS A 156 9.69 13.56 13.30
CA LYS A 156 9.79 13.54 13.34
C LYS A 156 9.86 12.35 12.37
C LYS A 156 9.93 12.34 12.40
N VAL A 157 9.61 11.15 12.89
CA VAL A 157 9.80 9.95 12.09
C VAL A 157 8.71 9.79 11.04
N ASN A 158 7.52 10.37 11.25
CA ASN A 158 6.49 10.34 10.21
C ASN A 158 6.91 11.15 8.98
N SER A 159 7.65 12.24 9.18
CA SER A 159 8.22 12.95 8.05
C SER A 159 9.24 12.08 7.32
N ASP A 160 10.08 11.35 8.07
CA ASP A 160 11.00 10.40 7.47
C ASP A 160 10.26 9.32 6.70
N ALA A 161 9.14 8.86 7.24
CA ALA A 161 8.42 7.75 6.61
C ALA A 161 7.80 8.18 5.29
N GLY A 162 7.13 9.34 5.28
CA GLY A 162 6.57 9.84 4.03
C GLY A 162 7.63 10.19 3.00
N ASN A 163 8.78 10.68 3.46
CA ASN A 163 9.86 11.03 2.54
C ASN A 163 10.47 9.78 1.93
N ALA A 164 10.69 8.74 2.74
CA ALA A 164 11.19 7.49 2.20
C ALA A 164 10.18 6.89 1.22
N MET A 165 8.89 6.93 1.56
CA MET A 165 7.88 6.28 0.73
C MET A 165 7.73 7.00 -0.60
N GLY A 166 7.86 8.33 -0.60
CA GLY A 166 7.84 9.07 -1.86
C GLY A 166 8.94 8.62 -2.81
N ARG A 167 10.16 8.47 -2.27
CA ARG A 167 11.26 7.96 -3.09
C ARG A 167 11.05 6.50 -3.47
N LEU A 168 10.49 5.69 -2.54
CA LEU A 168 10.23 4.29 -2.84
C LEU A 168 9.24 4.14 -3.98
N GLN A 169 8.22 5.00 -4.02
N GLN A 169 8.23 5.01 -4.02
CA GLN A 169 7.19 4.93 -5.05
CA GLN A 169 7.21 4.90 -5.06
C GLN A 169 7.79 5.21 -6.44
C GLN A 169 7.79 5.21 -6.44
N THR A 170 8.70 6.16 -6.52
CA THR A 170 9.36 6.45 -7.79
C THR A 170 10.21 5.27 -8.21
N LEU A 171 10.99 4.72 -7.29
CA LEU A 171 11.80 3.54 -7.59
C LEU A 171 10.93 2.37 -8.04
N ARG A 172 9.75 2.20 -7.43
CA ARG A 172 8.87 1.12 -7.87
C ARG A 172 8.44 1.32 -9.32
N GLN A 173 8.03 2.54 -9.68
CA GLN A 173 7.58 2.80 -11.04
C GLN A 173 8.67 2.53 -12.07
N GLN A 174 9.91 2.94 -11.76
CA GLN A 174 11.02 2.70 -12.67
C GLN A 174 11.24 1.21 -12.88
N LEU A 175 11.20 0.43 -11.80
CA LEU A 175 11.37 -1.01 -11.90
C LEU A 175 10.23 -1.64 -12.70
N VAL A 176 8.99 -1.21 -12.44
CA VAL A 176 7.84 -1.75 -13.19
C VAL A 176 7.99 -1.49 -14.68
N THR A 177 8.40 -0.29 -15.09
CA THR A 177 8.59 -0.03 -16.52
C THR A 177 9.75 -0.86 -17.08
N THR A 178 10.86 -0.87 -16.37
CA THR A 178 12.02 -1.64 -16.80
C THR A 178 11.70 -3.13 -16.88
N LEU A 179 10.95 -3.66 -15.92
CA LEU A 179 10.57 -5.07 -16.00
C LEU A 179 9.60 -5.32 -17.13
N SER A 180 8.71 -4.38 -17.39
CA SER A 180 7.77 -4.55 -18.49
C SER A 180 8.48 -4.33 -19.83
N GLU A 181 9.56 -3.54 -19.83
CA GLU A 181 10.40 -3.43 -21.02
C GLU A 181 11.05 -4.79 -21.33
N ARG A 182 11.69 -5.40 -20.34
CA ARG A 182 12.23 -6.75 -20.54
C ARG A 182 11.13 -7.71 -20.99
N GLY A 183 10.00 -7.72 -20.28
CA GLY A 183 8.86 -8.50 -20.72
C GLY A 183 8.54 -8.36 -22.20
N GLN A 184 8.28 -7.13 -22.64
CA GLN A 184 7.98 -6.88 -24.05
C GLN A 184 9.17 -7.20 -24.95
N GLN A 185 10.39 -6.98 -24.46
CA GLN A 185 11.58 -7.27 -25.27
C GLN A 185 11.66 -8.75 -25.60
N ILE A 186 11.34 -9.62 -24.64
CA ILE A 186 11.40 -11.06 -24.90
C ILE A 186 10.39 -11.44 -25.97
N MET A 187 9.18 -10.90 -25.91
CA MET A 187 8.22 -11.15 -26.97
C MET A 187 8.58 -10.45 -28.27
N LEU A 188 9.39 -9.41 -28.23
CA LEU A 188 9.84 -8.86 -29.53
C LEU A 188 11.12 -9.66 -29.83
N GLU A 189 11.02 -10.97 -29.60
CA GLU A 189 12.06 -12.02 -29.74
C GLU A 189 13.46 -11.45 -29.56
N ILE B 49 -2.70 -9.56 -30.21
CA ILE B 49 -2.73 -10.22 -28.92
C ILE B 49 -3.09 -9.18 -27.84
N THR B 50 -4.40 -8.93 -27.71
CA THR B 50 -4.93 -8.15 -26.60
C THR B 50 -5.07 -8.99 -25.35
N GLU B 51 -5.13 -10.31 -25.50
CA GLU B 51 -5.10 -11.23 -24.36
C GLU B 51 -3.92 -10.91 -23.42
N LEU B 52 -2.71 -10.85 -23.98
CA LEU B 52 -1.50 -10.86 -23.17
C LEU B 52 -1.18 -9.54 -22.49
N ASP B 53 -1.76 -8.42 -22.93
CA ASP B 53 -1.38 -7.12 -22.38
C ASP B 53 -2.55 -6.36 -21.77
N GLN B 54 -3.75 -6.41 -22.33
CA GLN B 54 -4.91 -5.96 -21.57
C GLN B 54 -4.96 -6.67 -20.22
N THR B 55 -4.43 -7.89 -20.15
CA THR B 55 -4.31 -8.60 -18.89
C THR B 55 -3.21 -8.00 -18.02
N ALA B 56 -1.98 -7.94 -18.55
CA ALA B 56 -0.89 -7.34 -17.80
C ALA B 56 -1.17 -5.87 -17.50
N HIS B 57 -1.96 -5.21 -18.35
CA HIS B 57 -2.40 -3.84 -18.14
C HIS B 57 -3.49 -3.76 -17.06
N GLN B 58 -4.21 -4.85 -16.82
CA GLN B 58 -5.11 -4.91 -15.69
C GLN B 58 -4.36 -4.94 -14.36
N SER B 59 -3.09 -5.33 -14.37
N SER B 59 -3.08 -5.33 -14.38
CA SER B 59 -2.31 -5.36 -13.13
CA SER B 59 -2.29 -5.36 -13.16
C SER B 59 -1.89 -3.96 -12.68
C SER B 59 -1.93 -3.96 -12.69
N ASP B 60 -1.71 -3.03 -13.62
CA ASP B 60 -1.42 -1.65 -13.24
C ASP B 60 -2.65 -1.01 -12.59
N ARG B 61 -3.85 -1.34 -13.09
CA ARG B 61 -5.07 -0.86 -12.47
C ARG B 61 -5.21 -1.41 -11.06
N LEU B 62 -5.06 -2.73 -10.91
CA LEU B 62 -5.30 -3.35 -9.61
C LEU B 62 -4.24 -2.93 -8.59
N ASN B 63 -2.97 -2.97 -8.98
CA ASN B 63 -1.92 -2.71 -8.00
C ASN B 63 -1.92 -1.25 -7.56
N ASN B 64 -2.04 -0.30 -8.51
CA ASN B 64 -2.02 1.11 -8.13
C ASN B 64 -3.25 1.49 -7.33
N ALA B 65 -4.41 0.88 -7.64
CA ALA B 65 -5.59 1.08 -6.81
C ALA B 65 -5.32 0.70 -5.36
N LEU B 66 -4.72 -0.46 -5.14
CA LEU B 66 -4.48 -0.90 -3.75
C LEU B 66 -3.40 -0.05 -3.08
N LEU B 67 -2.29 0.22 -3.79
CA LEU B 67 -1.26 1.08 -3.21
C LEU B 67 -1.81 2.45 -2.85
N MET B 68 -2.64 3.02 -3.72
CA MET B 68 -3.17 4.35 -3.44
C MET B 68 -4.20 4.32 -2.31
N ALA B 69 -4.99 3.24 -2.24
CA ALA B 69 -5.98 3.11 -1.17
C ALA B 69 -5.33 2.99 0.20
N ILE B 70 -4.27 2.18 0.32
CA ILE B 70 -3.67 2.07 1.65
C ILE B 70 -2.96 3.37 2.02
N ARG B 71 -2.33 4.05 1.06
CA ARG B 71 -1.75 5.36 1.35
C ARG B 71 -2.82 6.37 1.73
N SER B 72 -3.98 6.31 1.09
N SER B 72 -4.01 6.26 1.15
CA SER B 72 -5.08 7.18 1.49
CA SER B 72 -5.09 7.20 1.49
C SER B 72 -5.35 7.05 2.98
C SER B 72 -5.51 7.05 2.94
N SER B 73 -5.62 5.82 3.44
CA SER B 73 -5.82 5.57 4.87
C SER B 73 -4.63 5.98 5.73
N ALA B 74 -3.41 5.62 5.31
CA ALA B 74 -2.24 5.93 6.15
C ALA B 74 -2.11 7.42 6.37
N ASN B 75 -2.43 8.22 5.35
CA ASN B 75 -2.33 9.66 5.49
C ASN B 75 -3.33 10.21 6.49
N VAL B 76 -4.52 9.60 6.58
N VAL B 76 -4.53 9.61 6.54
CA VAL B 76 -5.49 10.19 7.51
CA VAL B 76 -5.53 10.10 7.49
C VAL B 76 -5.17 9.80 8.95
C VAL B 76 -5.08 9.82 8.92
N SER B 77 -4.62 8.60 9.17
CA SER B 77 -4.16 8.23 10.51
C SER B 77 -2.99 9.09 10.93
N SER B 78 -2.02 9.28 10.04
CA SER B 78 -0.94 10.24 10.27
C SER B 78 -1.48 11.63 10.53
N GLY B 79 -2.43 12.08 9.70
CA GLY B 79 -2.98 13.40 9.88
C GLY B 79 -3.62 13.58 11.25
N PHE B 80 -4.40 12.59 11.67
CA PHE B 80 -5.02 12.62 13.00
C PHE B 80 -3.97 12.85 14.08
N ILE B 81 -2.89 12.08 14.05
CA ILE B 81 -1.83 12.27 15.03
C ILE B 81 -1.22 13.66 14.89
N GLU B 82 -1.04 14.12 13.66
CA GLU B 82 -0.49 15.46 13.46
C GLU B 82 -1.41 16.51 14.07
N GLN B 83 -2.73 16.30 14.01
CA GLN B 83 -3.66 17.26 14.62
C GLN B 83 -3.58 17.21 16.14
N LEU B 84 -3.35 16.04 16.72
CA LEU B 84 -3.25 15.95 18.18
C LEU B 84 -2.04 16.71 18.71
N GLY B 85 -0.95 16.76 17.95
CA GLY B 85 0.22 17.51 18.37
C GLY B 85 0.37 18.90 17.79
N GLY B 86 -0.73 19.50 17.33
CA GLY B 86 -0.70 20.88 16.88
C GLY B 86 -0.06 21.13 15.53
N HIS B 87 0.12 20.09 14.71
CA HIS B 87 0.71 20.27 13.38
C HIS B 87 -0.42 20.36 12.35
N ASP B 88 -1.06 21.51 12.32
CA ASP B 88 -2.35 21.58 11.66
C ASP B 88 -2.25 21.87 10.17
N GLU B 89 -1.39 22.81 9.76
CA GLU B 89 -1.20 23.01 8.33
C GLU B 89 -0.68 21.73 7.66
N SER B 90 0.21 21.00 8.34
N SER B 90 0.21 21.00 8.34
CA SER B 90 0.68 19.73 7.78
CA SER B 90 0.69 19.73 7.81
C SER B 90 -0.46 18.73 7.67
C SER B 90 -0.46 18.73 7.67
N ALA B 91 -1.30 18.61 8.70
CA ALA B 91 -2.38 17.65 8.68
C ALA B 91 -3.37 17.94 7.55
N GLY B 92 -3.68 19.22 7.31
CA GLY B 92 -4.59 19.55 6.21
C GLY B 92 -4.11 19.00 4.88
N LYS B 93 -2.80 18.98 4.67
CA LYS B 93 -2.26 18.45 3.43
C LYS B 93 -2.39 16.93 3.37
N ARG B 94 -2.35 16.24 4.52
CA ARG B 94 -2.60 14.80 4.50
C ARG B 94 -4.07 14.47 4.26
N MET B 95 -4.98 15.32 4.71
CA MET B 95 -6.40 15.11 4.42
C MET B 95 -6.70 15.32 2.94
N ALA B 96 -6.16 16.39 2.35
CA ALA B 96 -6.35 16.62 0.92
C ALA B 96 -5.79 15.47 0.10
N LEU B 97 -4.61 14.99 0.49
CA LEU B 97 -3.94 13.91 -0.24
C LEU B 97 -4.74 12.62 -0.14
N SER B 98 -5.31 12.34 1.04
CA SER B 98 -6.15 11.15 1.21
C SER B 98 -7.37 11.21 0.31
N VAL B 99 -7.98 12.40 0.17
CA VAL B 99 -9.16 12.54 -0.68
C VAL B 99 -8.81 12.22 -2.12
N GLU B 100 -7.69 12.76 -2.63
CA GLU B 100 -7.40 12.61 -4.04
C GLU B 100 -6.90 11.22 -4.37
N LEU B 101 -6.19 10.57 -3.44
CA LEU B 101 -5.81 9.17 -3.63
C LEU B 101 -7.03 8.26 -3.62
N ASN B 102 -8.01 8.55 -2.77
CA ASN B 102 -9.25 7.77 -2.82
C ASN B 102 -9.94 7.92 -4.17
N ASN B 103 -9.97 9.14 -4.72
CA ASN B 103 -10.64 9.34 -6.01
C ASN B 103 -9.90 8.61 -7.14
N LYS B 104 -8.56 8.62 -7.11
CA LYS B 104 -7.80 7.99 -8.19
C LYS B 104 -7.81 6.47 -8.10
N SER B 105 -7.79 5.91 -6.88
CA SER B 105 -7.89 4.45 -6.79
C SER B 105 -9.29 3.96 -7.16
N GLN B 106 -10.32 4.65 -6.70
CA GLN B 106 -11.69 4.32 -7.11
C GLN B 106 -11.84 4.31 -8.63
N ALA B 107 -11.31 5.34 -9.32
CA ALA B 107 -11.37 5.33 -10.78
C ALA B 107 -10.69 4.10 -11.37
N LEU B 108 -9.53 3.73 -10.84
CA LEU B 108 -8.85 2.52 -11.33
C LEU B 108 -9.67 1.26 -11.07
N VAL B 109 -10.30 1.16 -9.90
CA VAL B 109 -11.11 -0.03 -9.62
C VAL B 109 -12.26 -0.13 -10.62
N ASP B 110 -12.90 1.01 -10.92
CA ASP B 110 -14.02 0.98 -11.87
C ASP B 110 -13.54 0.56 -13.26
N GLU B 111 -12.37 1.04 -13.68
CA GLU B 111 -11.84 0.64 -14.97
C GLU B 111 -11.42 -0.83 -14.95
N PHE B 112 -10.91 -1.31 -13.80
CA PHE B 112 -10.60 -2.73 -13.70
C PHE B 112 -11.84 -3.59 -13.91
N VAL B 113 -12.91 -3.25 -13.19
CA VAL B 113 -14.16 -4.02 -13.32
C VAL B 113 -14.71 -3.91 -14.74
N GLU B 114 -14.61 -2.72 -15.33
N GLU B 114 -14.62 -2.72 -15.34
CA GLU B 114 -15.09 -2.52 -16.69
CA GLU B 114 -15.12 -2.57 -16.71
C GLU B 114 -14.35 -3.39 -17.71
C GLU B 114 -14.38 -3.47 -17.68
N ASN B 115 -13.12 -3.79 -17.41
CA ASN B 115 -12.31 -4.59 -18.33
C ASN B 115 -12.23 -6.05 -17.97
N ALA B 116 -12.73 -6.47 -16.82
CA ALA B 116 -12.77 -7.88 -16.46
C ALA B 116 -14.15 -8.44 -16.76
N ARG B 117 -14.40 -8.63 -18.05
CA ARG B 117 -15.74 -9.01 -18.50
C ARG B 117 -15.88 -10.46 -18.89
N GLU B 118 -14.78 -11.22 -18.93
CA GLU B 118 -14.89 -12.65 -19.11
C GLU B 118 -15.57 -13.29 -17.91
N PRO B 119 -16.22 -14.44 -18.08
N PRO B 119 -16.24 -14.43 -18.07
CA PRO B 119 -17.03 -15.01 -17.00
CA PRO B 119 -17.04 -14.97 -16.97
C PRO B 119 -16.22 -15.41 -15.78
C PRO B 119 -16.22 -15.42 -15.77
N ALA B 120 -14.94 -15.75 -15.96
CA ALA B 120 -14.10 -16.14 -14.83
C ALA B 120 -13.89 -14.96 -13.88
N LEU B 121 -13.40 -13.84 -14.40
CA LEU B 121 -13.06 -12.69 -13.57
C LEU B 121 -14.27 -11.93 -13.06
N ARG B 122 -15.43 -12.13 -13.66
N ARG B 122 -15.40 -12.05 -13.74
CA ARG B 122 -16.56 -11.22 -13.48
CA ARG B 122 -16.63 -11.28 -13.52
C ARG B 122 -17.02 -11.17 -12.03
C ARG B 122 -17.00 -11.19 -12.04
N GLY B 123 -17.36 -12.33 -11.45
CA GLY B 123 -17.77 -12.33 -10.06
C GLY B 123 -16.67 -11.88 -9.13
N LEU B 124 -15.45 -12.37 -9.37
CA LEU B 124 -14.31 -11.98 -8.56
C LEU B 124 -14.07 -10.47 -8.62
N ALA B 125 -14.24 -9.87 -9.80
CA ALA B 125 -14.03 -8.43 -9.93
C ALA B 125 -15.12 -7.62 -9.24
N THR B 126 -16.36 -8.11 -9.26
CA THR B 126 -17.43 -7.40 -8.57
C THR B 126 -17.28 -7.53 -7.06
N GLU B 127 -16.88 -8.71 -6.58
CA GLU B 127 -16.54 -8.83 -5.16
C GLU B 127 -15.38 -7.93 -4.80
N LEU B 128 -14.38 -7.81 -5.69
CA LEU B 128 -13.33 -6.81 -5.48
C LEU B 128 -13.93 -5.42 -5.38
N GLN B 129 -14.79 -5.07 -6.36
CA GLN B 129 -15.40 -3.73 -6.38
C GLN B 129 -16.16 -3.45 -5.08
N ALA B 130 -17.00 -4.41 -4.65
CA ALA B 130 -17.79 -4.20 -3.45
C ALA B 130 -16.94 -4.10 -2.20
N THR B 131 -15.84 -4.87 -2.13
CA THR B 131 -14.97 -4.80 -0.97
C THR B 131 -14.14 -3.53 -0.99
N PHE B 132 -13.73 -3.08 -2.16
CA PHE B 132 -13.04 -1.80 -2.24
C PHE B 132 -13.95 -0.66 -1.78
N ALA B 133 -15.21 -0.68 -2.21
CA ALA B 133 -16.17 0.34 -1.76
C ALA B 133 -16.37 0.28 -0.26
N GLU B 134 -16.47 -0.94 0.29
CA GLU B 134 -16.50 -1.13 1.73
C GLU B 134 -15.31 -0.43 2.39
N TYR B 135 -14.12 -0.62 1.84
CA TYR B 135 -12.91 -0.03 2.41
C TYR B 135 -12.91 1.48 2.25
N ALA B 136 -13.24 1.98 1.06
CA ALA B 136 -13.32 3.42 0.85
C ALA B 136 -14.31 4.07 1.82
N LYS B 137 -15.42 3.39 2.09
N LYS B 137 -15.42 3.39 2.08
CA LYS B 137 -16.40 3.93 3.02
CA LYS B 137 -16.41 3.91 3.02
C LYS B 137 -15.81 4.06 4.42
C LYS B 137 -15.81 4.06 4.41
N ALA B 138 -15.03 3.06 4.85
CA ALA B 138 -14.40 3.15 6.17
C ALA B 138 -13.37 4.28 6.21
N VAL B 139 -12.63 4.50 5.13
CA VAL B 139 -11.61 5.56 5.14
C VAL B 139 -12.27 6.95 5.15
N ALA B 140 -13.36 7.14 4.40
CA ALA B 140 -14.15 8.36 4.58
C ALA B 140 -14.60 8.49 6.04
N GLY B 141 -14.93 7.36 6.68
CA GLY B 141 -15.16 7.38 8.11
C GLY B 141 -13.97 7.88 8.91
N GLN B 142 -12.77 7.46 8.54
CA GLN B 142 -11.56 7.94 9.23
C GLN B 142 -11.40 9.46 9.05
N ARG B 143 -11.70 9.98 7.86
CA ARG B 143 -11.61 11.42 7.64
C ARG B 143 -12.60 12.17 8.51
N GLU B 144 -13.84 11.70 8.58
CA GLU B 144 -14.85 12.41 9.37
C GLU B 144 -14.50 12.41 10.86
N ALA B 145 -14.00 11.30 11.39
CA ALA B 145 -13.56 11.29 12.79
C ALA B 145 -12.39 12.24 13.01
N THR B 146 -11.52 12.40 12.01
CA THR B 146 -10.41 13.35 12.14
C THR B 146 -10.91 14.79 12.15
N ARG B 147 -11.88 15.11 11.29
N ARG B 147 -11.87 15.12 11.28
CA ARG B 147 -12.41 16.48 11.28
CA ARG B 147 -12.41 16.47 11.29
C ARG B 147 -13.16 16.80 12.57
C ARG B 147 -13.11 16.79 12.60
N GLN B 148 -13.73 15.79 13.21
CA GLN B 148 -14.37 15.94 14.51
C GLN B 148 -13.40 15.73 15.67
N ARG B 149 -12.15 15.33 15.39
CA ARG B 149 -11.11 15.21 16.41
C ARG B 149 -11.50 14.21 17.49
N SER B 150 -12.15 13.11 17.10
CA SER B 150 -12.73 12.16 18.04
C SER B 150 -11.93 10.86 18.03
N LEU B 151 -11.27 10.57 19.16
CA LEU B 151 -10.53 9.32 19.27
C LEU B 151 -11.47 8.12 19.20
N GLU B 152 -12.64 8.24 19.82
CA GLU B 152 -13.59 7.12 19.86
C GLU B 152 -14.14 6.82 18.48
N GLN B 153 -14.70 7.83 17.81
CA GLN B 153 -15.17 7.67 16.44
C GLN B 153 -14.11 7.00 15.56
N TYR B 154 -12.84 7.39 15.72
CA TYR B 154 -11.80 6.75 14.91
C TYR B 154 -11.74 5.25 15.20
N PHE B 155 -11.89 4.88 16.48
CA PHE B 155 -11.78 3.47 16.86
C PHE B 155 -12.91 2.65 16.23
N LYS B 156 -14.10 3.23 16.17
CA LYS B 156 -15.23 2.55 15.52
C LYS B 156 -14.89 2.15 14.09
N VAL B 157 -14.55 3.12 13.24
CA VAL B 157 -14.39 2.81 11.83
C VAL B 157 -13.02 2.23 11.50
N ASN B 158 -12.01 2.39 12.36
CA ASN B 158 -10.73 1.75 12.05
C ASN B 158 -10.86 0.23 11.99
N SER B 159 -11.75 -0.35 12.80
CA SER B 159 -11.99 -1.80 12.72
C SER B 159 -12.51 -2.19 11.33
N ASP B 160 -13.45 -1.41 10.80
CA ASP B 160 -13.96 -1.68 9.44
C ASP B 160 -12.85 -1.58 8.41
N ALA B 161 -11.92 -0.64 8.60
CA ALA B 161 -10.86 -0.42 7.62
C ALA B 161 -9.90 -1.59 7.58
N GLY B 162 -9.45 -2.04 8.76
CA GLY B 162 -8.54 -3.17 8.80
C GLY B 162 -9.17 -4.44 8.28
N ASN B 163 -10.45 -4.65 8.60
CA ASN B 163 -11.11 -5.88 8.13
C ASN B 163 -11.22 -5.87 6.61
N ALA B 164 -11.61 -4.73 6.03
CA ALA B 164 -11.74 -4.65 4.58
C ALA B 164 -10.38 -4.72 3.89
N MET B 165 -9.33 -4.14 4.49
CA MET B 165 -8.01 -4.23 3.87
C MET B 165 -7.44 -5.64 3.97
N GLY B 166 -7.66 -6.32 5.11
CA GLY B 166 -7.27 -7.73 5.19
C GLY B 166 -7.91 -8.56 4.10
N ARG B 167 -9.16 -8.23 3.75
CA ARG B 167 -9.82 -8.97 2.68
C ARG B 167 -9.29 -8.56 1.32
N LEU B 168 -9.02 -7.27 1.11
CA LEU B 168 -8.43 -6.86 -0.17
C LEU B 168 -7.08 -7.53 -0.41
N GLN B 169 -6.33 -7.84 0.66
CA GLN B 169 -5.05 -8.52 0.49
C GLN B 169 -5.25 -9.93 -0.06
N THR B 170 -6.24 -10.66 0.49
CA THR B 170 -6.50 -12.01 0.01
C THR B 170 -7.18 -11.99 -1.36
N LEU B 171 -8.09 -11.04 -1.60
CA LEU B 171 -8.66 -10.89 -2.93
C LEU B 171 -7.59 -10.57 -3.96
N ARG B 172 -6.62 -9.74 -3.57
N ARG B 172 -6.62 -9.74 -3.57
CA ARG B 172 -5.52 -9.41 -4.47
CA ARG B 172 -5.51 -9.42 -4.47
C ARG B 172 -4.80 -10.67 -4.93
C ARG B 172 -4.81 -10.68 -4.93
N GLN B 173 -4.50 -11.58 -4.00
CA GLN B 173 -3.82 -12.82 -4.36
C GLN B 173 -4.67 -13.65 -5.30
N GLN B 174 -5.97 -13.75 -5.04
CA GLN B 174 -6.83 -14.53 -5.93
C GLN B 174 -6.91 -13.90 -7.32
N LEU B 175 -6.84 -12.57 -7.40
CA LEU B 175 -6.94 -11.90 -8.70
C LEU B 175 -5.64 -12.02 -9.50
N VAL B 176 -4.48 -11.91 -8.84
CA VAL B 176 -3.24 -12.04 -9.61
C VAL B 176 -3.02 -13.48 -10.07
N THR B 177 -3.48 -14.47 -9.30
CA THR B 177 -3.32 -15.84 -9.78
C THR B 177 -4.31 -16.17 -10.89
N THR B 178 -5.56 -15.70 -10.78
CA THR B 178 -6.53 -15.87 -11.85
C THR B 178 -6.09 -15.14 -13.12
N LEU B 179 -5.55 -13.93 -12.97
CA LEU B 179 -5.18 -13.16 -14.14
C LEU B 179 -3.88 -13.64 -14.76
N SER B 180 -3.04 -14.32 -13.99
CA SER B 180 -1.76 -14.84 -14.48
C SER B 180 -1.93 -15.93 -15.53
N GLU B 181 -3.14 -16.09 -16.05
CA GLU B 181 -3.48 -17.22 -16.92
C GLU B 181 -4.15 -16.75 -18.22
#